data_5X6S
#
_entry.id   5X6S
#
_cell.length_a   174.151
_cell.length_b   174.151
_cell.length_c   50.708
_cell.angle_alpha   90.00
_cell.angle_beta   90.00
_cell.angle_gamma   120.00
#
_symmetry.space_group_name_H-M   'H 3'
#
loop_
_entity.id
_entity.type
_entity.pdbx_description
1 polymer 'Acetylxylan esterase A'
2 branched 2-acetamido-2-deoxy-beta-D-glucopyranose-(1-4)-2-acetamido-2-deoxy-beta-D-glucopyranose
3 non-polymer '2-(N-MORPHOLINO)-ETHANESULFONIC ACID'
4 non-polymer 'SODIUM ION'
5 water water
#
_entity_poly.entity_id   1
_entity_poly.type   'polypeptide(L)'
_entity_poly.pdbx_seq_one_letter_code
;SGSLQQVTDFGDNPTNVGMYIYVPNNLASNPGIVVAIHYCTGTGPGYYGDSPYATLSEQYGFIVIYPSSPYSGGCWDVSS
QATLTHNGGGNSNSIANMVTWTISKYGADSSKVFVTGSSSGAMMTNVMAATYPELFAAATVYSGVSAGCFYSNTNQVDGW
NSTCAQGDVITTPEHWASIAEAMYSGYSGSRPRMQIYHGSIDTTLYPQNYYETCKQWAGVFGYDYSAPEKTEANTPQTNY
ETTIWGDSLQGIFATGVGHTVPIHGDKDMEWFGFA
;
_entity_poly.pdbx_strand_id   A,B
#
# COMPACT_ATOMS: atom_id res chain seq x y z
N GLY A 2 21.99 15.47 -2.31
CA GLY A 2 22.96 15.05 -3.37
C GLY A 2 24.10 14.36 -2.69
N SER A 3 23.79 13.58 -1.65
CA SER A 3 24.76 12.82 -0.97
C SER A 3 24.18 11.46 -0.52
N LEU A 4 25.08 10.54 -0.17
CA LEU A 4 24.72 9.26 0.41
C LEU A 4 24.91 9.35 1.92
N GLN A 5 23.85 9.09 2.67
CA GLN A 5 23.85 9.22 4.13
C GLN A 5 23.51 7.85 4.72
N GLN A 6 24.19 7.50 5.79
CA GLN A 6 23.78 6.37 6.60
C GLN A 6 22.70 6.76 7.61
N VAL A 7 21.70 5.91 7.78
CA VAL A 7 20.63 6.12 8.70
C VAL A 7 20.63 4.99 9.69
N THR A 8 20.60 5.34 10.96
CA THR A 8 20.82 4.39 12.02
C THR A 8 19.64 4.11 12.88
N ASP A 9 18.65 4.97 12.91
CA ASP A 9 17.52 4.64 13.82
C ASP A 9 16.23 4.62 13.03
N PHE A 10 16.03 3.58 12.24
CA PHE A 10 14.91 3.61 11.29
C PHE A 10 13.78 2.69 11.70
N GLY A 11 13.88 2.10 12.90
CA GLY A 11 12.89 1.17 13.40
C GLY A 11 13.53 -0.14 13.79
N ASP A 12 12.71 -1.14 14.08
CA ASP A 12 13.21 -2.40 14.61
C ASP A 12 14.23 -3.06 13.63
N ASN A 13 15.37 -3.47 14.18
CA ASN A 13 16.46 -3.95 13.33
C ASN A 13 17.33 -4.95 14.07
N PRO A 14 16.72 -6.03 14.58
CA PRO A 14 17.49 -6.96 15.43
C PRO A 14 18.66 -7.65 14.70
N THR A 15 18.60 -7.77 13.37
CA THR A 15 19.70 -8.37 12.64
C THR A 15 20.72 -7.35 12.18
N ASN A 16 20.55 -6.09 12.58
CA ASN A 16 21.57 -5.09 12.36
C ASN A 16 21.98 -4.82 10.91
N VAL A 17 20.97 -4.85 10.03
CA VAL A 17 21.17 -4.46 8.64
C VAL A 17 21.55 -2.96 8.58
N GLY A 18 22.48 -2.58 7.70
CA GLY A 18 22.78 -1.13 7.49
C GLY A 18 21.80 -0.46 6.53
N MET A 19 21.57 0.84 6.72
CA MET A 19 20.72 1.59 5.84
C MET A 19 21.46 2.80 5.30
N TYR A 20 21.57 2.90 4.00
CA TYR A 20 22.14 4.09 3.35
C TYR A 20 21.16 4.61 2.35
N ILE A 21 21.00 5.93 2.29
CA ILE A 21 20.11 6.55 1.30
C ILE A 21 20.79 7.60 0.44
N TYR A 22 20.42 7.63 -0.83
CA TYR A 22 20.81 8.71 -1.68
C TYR A 22 19.61 9.63 -1.86
N VAL A 23 19.76 10.86 -1.40
CA VAL A 23 18.73 11.89 -1.59
C VAL A 23 19.23 12.86 -2.67
N PRO A 24 18.58 12.87 -3.85
CA PRO A 24 19.15 13.70 -4.91
C PRO A 24 19.00 15.21 -4.65
N ASN A 25 19.86 15.98 -5.28
CA ASN A 25 19.67 17.42 -5.38
C ASN A 25 18.35 17.79 -6.02
N ASN A 26 18.00 17.18 -7.14
CA ASN A 26 16.76 17.43 -7.86
C ASN A 26 15.62 16.56 -7.24
N LEU A 27 15.46 16.65 -5.94
CA LEU A 27 14.43 15.90 -5.24
C LEU A 27 13.03 16.34 -5.69
N ALA A 28 12.18 15.39 -6.07
CA ALA A 28 10.76 15.66 -6.38
C ALA A 28 10.00 16.14 -5.16
N SER A 29 8.93 16.91 -5.41
CA SER A 29 8.05 17.39 -4.33
C SER A 29 7.48 16.24 -3.50
N ASN A 30 7.11 15.17 -4.20
CA ASN A 30 6.51 14.02 -3.55
C ASN A 30 7.27 12.80 -4.06
N PRO A 31 8.47 12.58 -3.54
CA PRO A 31 9.37 11.65 -4.24
C PRO A 31 8.98 10.18 -4.13
N GLY A 32 9.22 9.43 -5.18
CA GLY A 32 9.17 7.99 -5.13
C GLY A 32 10.37 7.42 -4.39
N ILE A 33 10.41 6.10 -4.28
CA ILE A 33 11.53 5.42 -3.59
C ILE A 33 11.93 4.22 -4.40
N VAL A 34 13.22 4.04 -4.57
CA VAL A 34 13.77 2.80 -5.16
C VAL A 34 14.68 2.16 -4.14
N VAL A 35 14.39 0.89 -3.79
CA VAL A 35 15.21 0.13 -2.89
C VAL A 35 16.11 -0.74 -3.80
N ALA A 36 17.44 -0.57 -3.69
CA ALA A 36 18.41 -1.21 -4.55
C ALA A 36 19.31 -2.11 -3.69
N ILE A 37 19.21 -3.44 -3.91
CA ILE A 37 19.74 -4.42 -2.97
C ILE A 37 20.94 -5.18 -3.54
N HIS A 38 22.09 -5.07 -2.85
CA HIS A 38 23.36 -5.45 -3.37
C HIS A 38 23.57 -7.00 -3.39
N TYR A 39 24.59 -7.43 -4.14
CA TYR A 39 25.01 -8.85 -4.32
C TYR A 39 25.97 -9.33 -3.22
N CYS A 40 26.24 -10.64 -3.13
CA CYS A 40 27.26 -11.13 -2.16
C CYS A 40 28.58 -10.45 -2.37
N THR A 41 29.33 -10.32 -1.28
CA THR A 41 30.62 -9.60 -1.21
C THR A 41 30.48 -8.08 -1.28
N GLY A 42 29.26 -7.59 -1.51
CA GLY A 42 28.99 -6.18 -1.67
C GLY A 42 28.47 -5.54 -0.39
N THR A 43 28.10 -4.26 -0.52
CA THR A 43 27.53 -3.51 0.56
C THR A 43 26.55 -2.52 -0.10
N GLY A 44 25.72 -1.87 0.70
CA GLY A 44 24.80 -0.84 0.21
C GLY A 44 25.54 0.27 -0.58
N PRO A 45 26.56 0.88 0.07
CA PRO A 45 27.35 1.90 -0.65
C PRO A 45 28.03 1.36 -1.91
N GLY A 46 28.50 0.14 -1.88
CA GLY A 46 28.99 -0.50 -3.10
C GLY A 46 28.01 -0.59 -4.24
N TYR A 47 26.74 -0.88 -3.94
CA TYR A 47 25.76 -1.01 -4.96
C TYR A 47 25.38 0.39 -5.46
N TYR A 48 25.37 1.36 -4.53
CA TYR A 48 25.27 2.79 -4.91
C TYR A 48 26.32 3.18 -5.95
N GLY A 49 27.57 2.75 -5.71
CA GLY A 49 28.69 3.02 -6.66
C GLY A 49 28.65 2.24 -7.97
N ASP A 50 27.88 1.16 -8.01
CA ASP A 50 27.81 0.18 -9.10
C ASP A 50 26.40 -0.01 -9.65
N SER A 51 25.59 1.06 -9.72
CA SER A 51 24.26 0.94 -10.29
C SER A 51 23.92 2.32 -10.78
N PRO A 52 22.94 2.42 -11.67
CA PRO A 52 22.59 3.73 -12.22
C PRO A 52 21.58 4.51 -11.40
N TYR A 53 21.09 3.99 -10.27
CA TYR A 53 19.90 4.57 -9.61
C TYR A 53 20.08 5.97 -9.07
N ALA A 54 21.25 6.27 -8.51
CA ALA A 54 21.52 7.66 -8.03
C ALA A 54 21.55 8.66 -9.18
N THR A 55 22.15 8.28 -10.30
CA THR A 55 22.17 9.12 -11.49
C THR A 55 20.72 9.35 -11.96
N LEU A 56 19.95 8.28 -12.03
CA LEU A 56 18.53 8.37 -12.43
C LEU A 56 17.64 9.17 -11.43
N SER A 57 17.96 9.10 -10.15
CA SER A 57 17.24 9.88 -9.11
C SER A 57 17.36 11.38 -9.35
N GLU A 58 18.47 11.79 -9.96
CA GLU A 58 18.63 13.19 -10.32
C GLU A 58 17.78 13.60 -11.52
N GLN A 59 17.35 12.63 -12.33
CA GLN A 59 16.42 12.93 -13.38
C GLN A 59 15.01 12.93 -12.83
N TYR A 60 14.68 11.91 -12.05
CA TYR A 60 13.26 11.60 -11.70
C TYR A 60 12.88 12.00 -10.29
N GLY A 61 13.87 12.35 -9.48
CA GLY A 61 13.65 12.94 -8.17
C GLY A 61 13.26 12.01 -7.03
N PHE A 62 13.40 10.70 -7.23
CA PHE A 62 13.10 9.76 -6.18
C PHE A 62 14.28 9.58 -5.23
N ILE A 63 14.03 8.97 -4.07
CA ILE A 63 15.08 8.67 -3.11
C ILE A 63 15.51 7.21 -3.35
N VAL A 64 16.79 6.91 -3.24
CA VAL A 64 17.26 5.50 -3.28
C VAL A 64 17.68 4.98 -1.94
N ILE A 65 17.22 3.80 -1.56
CA ILE A 65 17.62 3.15 -0.31
C ILE A 65 18.50 1.98 -0.65
N TYR A 66 19.67 1.90 -0.01
CA TYR A 66 20.64 0.84 -0.28
C TYR A 66 20.84 0.08 1.01
N PRO A 67 20.10 -1.02 1.22
CA PRO A 67 20.32 -1.81 2.45
C PRO A 67 21.70 -2.47 2.37
N SER A 68 22.28 -2.76 3.53
CA SER A 68 23.65 -3.29 3.59
C SER A 68 23.72 -4.51 4.49
N SER A 69 24.10 -5.63 3.93
CA SER A 69 24.08 -6.89 4.66
C SER A 69 24.98 -6.84 5.88
N PRO A 70 24.49 -7.36 7.01
CA PRO A 70 25.30 -7.40 8.22
C PRO A 70 26.26 -8.59 8.25
N TYR A 71 26.18 -9.50 7.29
CA TYR A 71 26.90 -10.77 7.43
C TYR A 71 28.26 -10.83 6.77
N SER A 72 29.11 -11.64 7.39
CA SER A 72 30.39 -11.96 6.79
C SER A 72 30.13 -12.60 5.41
N GLY A 73 30.77 -12.08 4.37
CA GLY A 73 30.58 -12.64 3.05
C GLY A 73 29.60 -11.79 2.24
N GLY A 74 28.85 -10.94 2.96
CA GLY A 74 28.01 -9.93 2.34
C GLY A 74 26.75 -10.41 1.62
N CYS A 75 26.41 -11.69 1.74
CA CYS A 75 25.16 -12.16 1.13
C CYS A 75 23.98 -11.78 2.04
N TRP A 76 22.77 -11.85 1.48
CA TRP A 76 21.54 -11.65 2.24
C TRP A 76 20.97 -12.91 2.88
N ASP A 77 20.40 -12.78 4.09
CA ASP A 77 19.58 -13.85 4.66
C ASP A 77 18.26 -13.96 3.87
N VAL A 78 18.20 -14.98 3.03
CA VAL A 78 16.98 -15.34 2.29
C VAL A 78 16.57 -16.82 2.61
N SER A 79 17.00 -17.29 3.79
CA SER A 79 16.85 -18.68 4.21
C SER A 79 16.12 -18.94 5.52
N SER A 80 16.25 -18.04 6.49
CA SER A 80 15.69 -18.24 7.82
C SER A 80 14.16 -18.07 7.82
N GLN A 81 13.48 -18.66 8.79
CA GLN A 81 12.05 -18.40 8.95
C GLN A 81 11.79 -16.90 9.26
N ALA A 82 12.69 -16.29 10.00
CA ALA A 82 12.60 -14.88 10.32
C ALA A 82 12.56 -14.01 9.08
N THR A 83 13.44 -14.29 8.10
CA THR A 83 13.52 -13.47 6.90
C THR A 83 12.39 -13.81 5.92
N LEU A 84 11.88 -15.05 6.00
CA LEU A 84 10.85 -15.55 5.11
C LEU A 84 9.42 -15.44 5.66
N THR A 85 9.23 -14.60 6.68
CA THR A 85 7.88 -14.40 7.19
C THR A 85 7.61 -12.90 7.38
N HIS A 86 6.44 -12.46 6.95
CA HIS A 86 5.97 -11.08 7.22
C HIS A 86 6.09 -10.86 8.74
N ASN A 87 6.74 -9.79 9.13
CA ASN A 87 6.95 -9.45 10.52
C ASN A 87 7.77 -10.50 11.31
N GLY A 88 8.55 -11.32 10.60
CA GLY A 88 9.41 -12.29 11.22
C GLY A 88 10.67 -11.76 11.90
N GLY A 89 11.04 -10.50 11.65
CA GLY A 89 12.20 -9.88 12.33
C GLY A 89 13.54 -10.09 11.65
N GLY A 90 13.53 -10.76 10.49
CA GLY A 90 14.76 -11.02 9.75
C GLY A 90 15.20 -9.81 8.92
N ASN A 91 16.27 -9.97 8.11
CA ASN A 91 16.77 -8.93 7.24
C ASN A 91 15.65 -8.26 6.46
N SER A 92 14.74 -9.06 5.95
CA SER A 92 13.65 -8.51 5.16
C SER A 92 12.77 -7.48 5.90
N ASN A 93 12.50 -7.78 7.17
CA ASN A 93 11.79 -6.90 8.08
C ASN A 93 12.53 -5.56 8.26
N SER A 94 13.84 -5.63 8.40
CA SER A 94 14.64 -4.45 8.48
C SER A 94 14.50 -3.57 7.25
N ILE A 95 14.58 -4.18 6.07
CA ILE A 95 14.45 -3.43 4.82
C ILE A 95 13.07 -2.75 4.75
N ALA A 96 12.04 -3.45 5.17
CA ALA A 96 10.69 -2.90 5.24
C ALA A 96 10.66 -1.61 6.08
N ASN A 97 11.30 -1.64 7.25
CA ASN A 97 11.38 -0.50 8.14
C ASN A 97 12.15 0.69 7.57
N MET A 98 13.16 0.42 6.76
CA MET A 98 13.88 1.47 6.05
C MET A 98 12.92 2.23 5.11
N VAL A 99 12.07 1.47 4.43
CA VAL A 99 11.06 2.02 3.57
C VAL A 99 10.14 2.97 4.32
N THR A 100 9.54 2.47 5.40
CA THR A 100 8.51 3.25 6.07
C THR A 100 9.10 4.49 6.72
N TRP A 101 10.34 4.38 7.21
CA TRP A 101 11.07 5.51 7.82
C TRP A 101 11.26 6.60 6.75
N THR A 102 11.64 6.19 5.55
CA THR A 102 11.94 7.12 4.48
C THR A 102 10.64 7.79 3.98
N ILE A 103 9.56 7.01 3.89
CA ILE A 103 8.25 7.58 3.50
C ILE A 103 7.92 8.74 4.42
N SER A 104 7.95 8.49 5.71
CA SER A 104 7.61 9.56 6.64
C SER A 104 8.63 10.69 6.69
N LYS A 105 9.92 10.37 6.74
CA LYS A 105 10.93 11.42 6.90
C LYS A 105 10.93 12.40 5.73
N TYR A 106 10.74 11.88 4.51
CA TYR A 106 10.84 12.72 3.32
C TYR A 106 9.53 13.03 2.63
N GLY A 107 8.41 12.63 3.20
CA GLY A 107 7.15 12.84 2.55
C GLY A 107 7.14 12.14 1.21
N ALA A 108 7.72 10.95 1.13
CA ALA A 108 7.73 10.17 -0.11
C ALA A 108 6.37 9.60 -0.43
N ASP A 109 6.11 9.32 -1.70
CA ASP A 109 4.80 8.85 -2.10
C ASP A 109 4.77 7.34 -1.94
N SER A 110 3.93 6.86 -1.00
CA SER A 110 3.90 5.43 -0.70
C SER A 110 3.35 4.55 -1.80
N SER A 111 2.71 5.16 -2.80
CA SER A 111 2.27 4.43 -4.01
C SER A 111 3.36 4.29 -5.05
N LYS A 112 4.52 4.88 -4.80
CA LYS A 112 5.63 4.87 -5.77
C LYS A 112 6.91 4.34 -5.13
N VAL A 113 6.84 3.12 -4.59
CA VAL A 113 7.96 2.47 -3.93
C VAL A 113 8.28 1.18 -4.68
N PHE A 114 9.56 1.00 -5.02
CA PHE A 114 9.99 -0.06 -5.94
C PHE A 114 11.17 -0.76 -5.31
N VAL A 115 11.42 -2.00 -5.67
CA VAL A 115 12.51 -2.76 -5.12
C VAL A 115 13.19 -3.54 -6.24
N THR A 116 14.54 -3.59 -6.20
CA THR A 116 15.32 -4.24 -7.24
C THR A 116 16.66 -4.65 -6.63
N GLY A 117 17.32 -5.62 -7.25
CA GLY A 117 18.53 -6.17 -6.71
C GLY A 117 19.17 -7.12 -7.68
N SER A 118 20.47 -7.42 -7.47
CA SER A 118 21.20 -8.34 -8.29
C SER A 118 21.71 -9.52 -7.43
N SER A 119 21.70 -10.72 -8.00
CA SER A 119 22.23 -11.94 -7.39
C SER A 119 21.57 -12.15 -6.00
N SER A 120 22.34 -12.21 -4.91
CA SER A 120 21.77 -12.27 -3.56
C SER A 120 20.70 -11.21 -3.34
N GLY A 121 20.92 -10.03 -3.88
CA GLY A 121 19.94 -8.94 -3.77
C GLY A 121 18.72 -9.17 -4.60
N ALA A 122 18.87 -9.89 -5.71
CA ALA A 122 17.68 -10.30 -6.49
C ALA A 122 16.89 -11.38 -5.76
N MET A 123 17.59 -12.30 -5.10
CA MET A 123 16.91 -13.27 -4.23
C MET A 123 16.07 -12.52 -3.15
N MET A 124 16.70 -11.54 -2.53
CA MET A 124 16.04 -10.72 -1.50
C MET A 124 14.90 -9.91 -2.12
N THR A 125 15.05 -9.49 -3.37
CA THR A 125 13.95 -8.80 -4.02
C THR A 125 12.67 -9.65 -4.05
N ASN A 126 12.81 -10.91 -4.42
CA ASN A 126 11.69 -11.82 -4.45
C ASN A 126 11.14 -12.00 -3.07
N VAL A 127 12.01 -12.12 -2.10
CA VAL A 127 11.60 -12.28 -0.68
C VAL A 127 10.80 -11.06 -0.21
N MET A 128 11.28 -9.87 -0.54
CA MET A 128 10.58 -8.61 -0.14
C MET A 128 9.19 -8.55 -0.76
N ALA A 129 9.09 -8.94 -2.02
CA ALA A 129 7.78 -8.97 -2.69
C ALA A 129 6.78 -9.88 -1.95
N ALA A 130 7.25 -11.01 -1.47
CA ALA A 130 6.43 -12.02 -0.79
C ALA A 130 6.16 -11.70 0.67
N THR A 131 7.11 -11.09 1.36
CA THR A 131 6.98 -10.87 2.82
C THR A 131 6.34 -9.51 3.14
N TYR A 132 6.66 -8.46 2.35
CA TYR A 132 6.09 -7.10 2.48
C TYR A 132 5.42 -6.61 1.16
N PRO A 133 4.51 -7.45 0.57
CA PRO A 133 3.88 -7.07 -0.72
C PRO A 133 3.20 -5.70 -0.69
N GLU A 134 2.67 -5.31 0.48
CA GLU A 134 1.98 -4.04 0.71
C GLU A 134 2.81 -2.80 0.47
N LEU A 135 4.15 -2.92 0.56
CA LEU A 135 5.01 -1.74 0.40
C LEU A 135 5.35 -1.37 -1.06
N PHE A 136 5.25 -2.33 -1.99
CA PHE A 136 5.91 -2.23 -3.29
C PHE A 136 4.93 -2.26 -4.46
N ALA A 137 5.03 -1.23 -5.34
CA ALA A 137 4.25 -1.11 -6.56
C ALA A 137 4.74 -2.02 -7.65
N ALA A 138 6.07 -2.24 -7.68
CA ALA A 138 6.72 -3.09 -8.71
C ALA A 138 8.10 -3.42 -8.25
N ALA A 139 8.67 -4.47 -8.82
CA ALA A 139 9.98 -4.98 -8.48
C ALA A 139 10.66 -5.46 -9.73
N THR A 140 12.00 -5.32 -9.78
CA THR A 140 12.81 -5.83 -10.90
C THR A 140 13.88 -6.73 -10.33
N VAL A 141 13.97 -7.95 -10.81
CA VAL A 141 14.86 -8.99 -10.32
C VAL A 141 15.94 -9.26 -11.37
N TYR A 142 17.18 -8.95 -11.01
CA TYR A 142 18.37 -9.25 -11.86
C TYR A 142 19.10 -10.52 -11.39
N SER A 143 18.72 -11.67 -11.99
CA SER A 143 19.45 -12.94 -11.71
C SER A 143 19.37 -13.37 -10.25
N GLY A 144 18.19 -13.76 -9.82
CA GLY A 144 18.00 -14.25 -8.47
C GLY A 144 17.45 -15.68 -8.47
N VAL A 145 16.79 -16.04 -7.38
CA VAL A 145 16.04 -17.32 -7.26
C VAL A 145 14.69 -16.96 -6.65
N SER A 146 13.71 -17.86 -6.83
CA SER A 146 12.32 -17.63 -6.42
C SER A 146 12.26 -17.43 -4.89
N ALA A 147 11.21 -16.76 -4.42
CA ALA A 147 11.05 -16.57 -3.00
C ALA A 147 10.87 -17.92 -2.33
N GLY A 148 11.75 -18.23 -1.41
CA GLY A 148 11.73 -19.47 -0.65
C GLY A 148 12.53 -20.58 -1.30
N CYS A 149 13.17 -20.31 -2.44
CA CYS A 149 14.12 -21.28 -3.02
C CYS A 149 15.35 -21.48 -2.16
N PHE A 150 15.73 -20.45 -1.38
CA PHE A 150 16.87 -20.57 -0.48
C PHE A 150 16.47 -20.93 0.94
N TYR A 151 15.21 -21.26 1.11
CA TYR A 151 14.73 -21.90 2.38
C TYR A 151 15.80 -22.82 2.96
N SER A 152 16.06 -22.67 4.25
CA SER A 152 16.93 -23.58 4.99
C SER A 152 16.07 -24.55 5.82
N ASN A 153 16.23 -25.85 5.55
CA ASN A 153 15.53 -26.87 6.31
C ASN A 153 15.98 -27.01 7.76
N THR A 154 17.02 -26.29 8.19
CA THR A 154 17.39 -26.21 9.61
C THR A 154 17.26 -24.79 10.18
N ASN A 155 16.57 -23.90 9.43
CA ASN A 155 16.38 -22.51 9.87
C ASN A 155 17.71 -21.75 10.00
N GLN A 156 18.66 -21.99 9.09
CA GLN A 156 19.93 -21.28 9.10
C GLN A 156 19.70 -19.85 8.59
N VAL A 157 20.43 -18.91 9.17
CA VAL A 157 20.41 -17.52 8.75
C VAL A 157 21.48 -17.34 7.67
N ASP A 158 21.10 -16.80 6.51
CA ASP A 158 22.08 -16.52 5.47
C ASP A 158 22.76 -17.82 4.99
N GLY A 159 21.98 -18.89 4.87
CA GLY A 159 22.49 -20.19 4.40
C GLY A 159 22.36 -20.27 2.90
N TRP A 160 23.46 -20.64 2.23
CA TRP A 160 23.42 -20.87 0.77
C TRP A 160 22.77 -22.23 0.51
N ASN A 161 21.76 -22.29 -0.34
CA ASN A 161 21.12 -23.56 -0.74
C ASN A 161 21.61 -23.98 -2.14
N SER A 162 22.60 -24.86 -2.17
CA SER A 162 23.16 -25.41 -3.43
C SER A 162 22.15 -26.07 -4.34
N THR A 163 21.19 -26.83 -3.79
CA THR A 163 20.22 -27.49 -4.65
C THR A 163 19.47 -26.46 -5.50
N CYS A 164 19.09 -25.36 -4.84
CA CYS A 164 18.39 -24.26 -5.52
C CYS A 164 19.30 -23.62 -6.54
N ALA A 165 20.48 -23.19 -6.10
CA ALA A 165 21.42 -22.43 -6.98
C ALA A 165 21.80 -23.26 -8.24
N GLN A 166 21.97 -24.57 -8.05
CA GLN A 166 22.29 -25.46 -9.19
C GLN A 166 21.14 -25.66 -10.16
N GLY A 167 19.94 -25.25 -9.77
CA GLY A 167 18.77 -25.36 -10.64
C GLY A 167 18.06 -26.71 -10.48
N ASP A 168 18.34 -27.38 -9.35
CA ASP A 168 17.80 -28.72 -9.05
C ASP A 168 16.47 -28.72 -8.28
N VAL A 169 15.91 -27.53 -8.00
CA VAL A 169 14.61 -27.43 -7.38
C VAL A 169 13.56 -27.01 -8.43
N ILE A 170 12.74 -27.98 -8.83
CA ILE A 170 11.75 -27.76 -9.89
C ILE A 170 10.40 -28.20 -9.37
N THR A 171 9.43 -27.28 -9.42
CA THR A 171 8.08 -27.62 -8.98
C THR A 171 7.07 -26.80 -9.77
N THR A 172 5.81 -26.81 -9.35
CA THR A 172 4.72 -26.21 -10.08
C THR A 172 4.47 -24.76 -9.68
N PRO A 173 3.83 -23.97 -10.56
CA PRO A 173 3.30 -22.66 -10.22
C PRO A 173 2.49 -22.72 -8.93
N GLU A 174 1.73 -23.80 -8.76
CA GLU A 174 0.87 -23.93 -7.58
C GLU A 174 1.65 -24.02 -6.29
N HIS A 175 2.67 -24.84 -6.32
CA HIS A 175 3.51 -25.10 -5.20
C HIS A 175 4.41 -23.87 -4.84
N TRP A 176 5.05 -23.27 -5.84
CA TRP A 176 5.77 -22.02 -5.58
C TRP A 176 4.84 -20.91 -5.07
N ALA A 177 3.63 -20.81 -5.62
CA ALA A 177 2.68 -19.80 -5.19
C ALA A 177 2.31 -20.03 -3.72
N SER A 178 2.11 -21.30 -3.33
CA SER A 178 1.88 -21.65 -1.92
C SER A 178 3.01 -21.25 -0.99
N ILE A 179 4.23 -21.44 -1.46
CA ILE A 179 5.41 -21.04 -0.71
C ILE A 179 5.42 -19.52 -0.52
N ALA A 180 5.05 -18.79 -1.58
CA ALA A 180 5.08 -17.33 -1.52
C ALA A 180 3.94 -16.81 -0.62
N GLU A 181 2.76 -17.40 -0.78
CA GLU A 181 1.59 -17.02 0.00
C GLU A 181 1.87 -17.24 1.50
N ALA A 182 2.57 -18.33 1.84
CA ALA A 182 2.81 -18.68 3.22
C ALA A 182 3.70 -17.65 3.96
N MET A 183 4.44 -16.85 3.17
CA MET A 183 5.31 -15.81 3.74
C MET A 183 4.49 -14.65 4.32
N TYR A 184 3.28 -14.44 3.83
CA TYR A 184 2.32 -13.59 4.52
C TYR A 184 0.96 -14.30 4.46
N SER A 185 0.74 -15.29 5.32
CA SER A 185 -0.51 -16.07 5.13
C SER A 185 -1.77 -15.25 5.35
N GLY A 186 -2.73 -15.47 4.44
CA GLY A 186 -3.99 -14.78 4.52
C GLY A 186 -4.04 -13.44 3.82
N TYR A 187 -2.88 -12.95 3.38
CA TYR A 187 -2.83 -11.66 2.72
C TYR A 187 -3.49 -11.73 1.39
N SER A 188 -4.36 -10.78 1.10
CA SER A 188 -4.94 -10.77 -0.28
C SER A 188 -5.07 -9.33 -0.83
N GLY A 189 -4.11 -8.47 -0.49
CA GLY A 189 -4.12 -7.14 -1.03
C GLY A 189 -3.12 -7.00 -2.19
N SER A 190 -2.76 -5.75 -2.44
CA SER A 190 -1.83 -5.31 -3.46
C SER A 190 -0.53 -6.08 -3.38
N ARG A 191 0.03 -6.48 -4.51
CA ARG A 191 1.41 -7.02 -4.57
C ARG A 191 2.21 -6.31 -5.69
N PRO A 192 3.53 -6.25 -5.60
CA PRO A 192 4.24 -5.56 -6.70
C PRO A 192 4.14 -6.30 -8.04
N ARG A 193 4.04 -5.54 -9.13
CA ARG A 193 4.22 -6.07 -10.49
C ARG A 193 5.68 -6.54 -10.59
N MET A 194 5.90 -7.80 -11.00
CA MET A 194 7.20 -8.41 -11.03
C MET A 194 7.82 -8.45 -12.43
N GLN A 195 9.09 -8.06 -12.52
CA GLN A 195 9.89 -8.16 -13.75
C GLN A 195 11.14 -8.92 -13.42
N ILE A 196 11.32 -10.07 -14.09
CA ILE A 196 12.37 -11.05 -13.77
C ILE A 196 13.36 -11.19 -14.94
N TYR A 197 14.62 -10.80 -14.73
CA TYR A 197 15.69 -11.00 -15.71
C TYR A 197 16.56 -12.19 -15.30
N HIS A 198 17.08 -12.91 -16.29
CA HIS A 198 18.04 -13.98 -16.02
C HIS A 198 18.83 -14.24 -17.31
N GLY A 199 20.06 -14.70 -17.16
CA GLY A 199 20.89 -15.04 -18.34
C GLY A 199 20.93 -16.55 -18.60
N SER A 200 20.93 -16.94 -19.88
CA SER A 200 20.86 -18.37 -20.29
C SER A 200 22.09 -19.19 -19.95
N ILE A 201 23.21 -18.53 -19.66
CA ILE A 201 24.45 -19.23 -19.37
C ILE A 201 24.98 -18.92 -17.99
N ASP A 202 24.06 -18.54 -17.11
CA ASP A 202 24.39 -18.35 -15.69
C ASP A 202 24.79 -19.70 -15.06
N THR A 203 25.99 -19.78 -14.52
CA THR A 203 26.46 -20.97 -13.84
C THR A 203 26.71 -20.73 -12.35
N THR A 204 26.13 -19.65 -11.81
CA THR A 204 26.08 -19.39 -10.35
C THR A 204 24.66 -19.68 -9.85
N LEU A 205 23.70 -18.99 -10.43
CA LEU A 205 22.28 -19.27 -10.23
C LEU A 205 21.73 -19.76 -11.57
N TYR A 206 21.61 -21.09 -11.66
CA TYR A 206 21.29 -21.75 -12.92
C TYR A 206 19.95 -21.29 -13.48
N PRO A 207 19.86 -21.22 -14.82
CA PRO A 207 18.71 -20.59 -15.47
C PRO A 207 17.36 -21.25 -15.20
N GLN A 208 17.36 -22.47 -14.68
CA GLN A 208 16.10 -23.11 -14.26
C GLN A 208 15.33 -22.18 -13.27
N ASN A 209 16.12 -21.52 -12.41
CA ASN A 209 15.61 -20.56 -11.45
C ASN A 209 14.86 -19.43 -12.07
N TYR A 210 15.18 -19.06 -13.32
CA TYR A 210 14.35 -18.10 -13.99
C TYR A 210 12.97 -18.66 -14.16
N TYR A 211 12.88 -19.91 -14.61
CA TYR A 211 11.56 -20.48 -14.91
C TYR A 211 10.78 -20.72 -13.62
N GLU A 212 11.48 -21.16 -12.59
CA GLU A 212 10.85 -21.39 -11.25
C GLU A 212 10.29 -20.09 -10.67
N THR A 213 10.96 -18.99 -10.92
CA THR A 213 10.47 -17.66 -10.46
C THR A 213 9.25 -17.20 -11.24
N CYS A 214 9.27 -17.39 -12.57
CA CYS A 214 8.14 -17.00 -13.37
C CYS A 214 6.91 -17.86 -13.05
N LYS A 215 7.15 -19.15 -12.81
CA LYS A 215 6.11 -20.05 -12.28
C LYS A 215 5.52 -19.50 -10.99
N GLN A 216 6.40 -19.19 -10.03
CA GLN A 216 5.96 -18.65 -8.72
C GLN A 216 5.01 -17.49 -8.88
N TRP A 217 5.42 -16.45 -9.62
CA TRP A 217 4.58 -15.27 -9.75
C TRP A 217 3.33 -15.48 -10.59
N ALA A 218 3.44 -16.31 -11.62
CA ALA A 218 2.26 -16.75 -12.37
C ALA A 218 1.24 -17.36 -11.39
N GLY A 219 1.67 -18.28 -10.55
CA GLY A 219 0.76 -18.95 -9.59
C GLY A 219 0.16 -17.89 -8.66
N VAL A 220 1.02 -16.98 -8.15
CA VAL A 220 0.58 -15.96 -7.20
C VAL A 220 -0.51 -15.08 -7.84
N PHE A 221 -0.29 -14.70 -9.10
CA PHE A 221 -1.22 -13.74 -9.69
C PHE A 221 -2.40 -14.42 -10.42
N GLY A 222 -2.42 -15.72 -10.47
CA GLY A 222 -3.55 -16.38 -11.14
C GLY A 222 -3.40 -16.46 -12.67
N TYR A 223 -2.17 -16.23 -13.17
CA TYR A 223 -1.85 -16.33 -14.60
C TYR A 223 -1.59 -17.79 -14.96
N ASP A 224 -1.98 -18.19 -16.15
CA ASP A 224 -1.63 -19.48 -16.67
C ASP A 224 -0.16 -19.47 -17.09
N TYR A 225 0.68 -20.21 -16.37
CA TYR A 225 2.09 -20.20 -16.63
C TYR A 225 2.41 -20.60 -18.09
N SER A 226 1.62 -21.56 -18.61
CA SER A 226 1.80 -22.05 -19.98
C SER A 226 1.21 -21.19 -21.06
N ALA A 227 0.42 -20.20 -20.72
CA ALA A 227 -0.14 -19.29 -21.71
C ALA A 227 0.08 -17.79 -21.38
N PRO A 228 1.35 -17.33 -21.49
CA PRO A 228 1.58 -15.90 -21.39
C PRO A 228 0.82 -15.09 -22.43
N GLU A 229 0.68 -13.80 -22.22
CA GLU A 229 -0.05 -12.92 -23.12
C GLU A 229 0.72 -12.58 -24.40
N LYS A 230 2.03 -12.39 -24.27
CA LYS A 230 2.85 -11.85 -25.37
C LYS A 230 4.29 -12.30 -25.26
N THR A 231 4.96 -12.50 -26.42
CA THR A 231 6.41 -12.72 -26.47
C THR A 231 7.01 -11.69 -27.43
N GLU A 232 8.15 -11.11 -27.05
CA GLU A 232 8.77 -10.03 -27.81
C GLU A 232 10.23 -10.37 -28.04
N ALA A 233 10.57 -10.55 -29.30
CA ALA A 233 11.94 -10.85 -29.70
C ALA A 233 12.84 -9.63 -29.46
N ASN A 234 14.09 -9.88 -29.13
CA ASN A 234 15.12 -8.81 -29.09
C ASN A 234 14.65 -7.59 -28.30
N THR A 235 14.05 -7.86 -27.14
CA THR A 235 13.44 -6.85 -26.31
C THR A 235 13.86 -7.14 -24.84
N PRO A 236 14.53 -6.19 -24.15
CA PRO A 236 14.83 -4.79 -24.55
C PRO A 236 15.98 -4.62 -25.54
N GLN A 237 16.70 -5.68 -25.89
CA GLN A 237 17.84 -5.57 -26.87
C GLN A 237 18.08 -6.93 -27.52
N THR A 238 19.03 -6.98 -28.47
CA THR A 238 19.37 -8.19 -29.20
C THR A 238 19.64 -9.33 -28.24
N ASN A 239 18.99 -10.47 -28.51
CA ASN A 239 19.18 -11.71 -27.79
C ASN A 239 18.57 -11.74 -26.39
N TYR A 240 17.85 -10.67 -26.05
CA TYR A 240 16.98 -10.69 -24.89
C TYR A 240 15.55 -10.97 -25.41
N GLU A 241 14.78 -11.77 -24.70
CA GLU A 241 13.39 -11.97 -25.09
C GLU A 241 12.45 -11.72 -23.93
N THR A 242 11.44 -10.88 -24.15
CA THR A 242 10.47 -10.52 -23.10
C THR A 242 9.18 -11.33 -23.26
N THR A 243 8.78 -12.02 -22.20
CA THR A 243 7.49 -12.68 -22.12
C THR A 243 6.62 -11.94 -21.08
N ILE A 244 5.50 -11.38 -21.51
CA ILE A 244 4.51 -10.78 -20.64
C ILE A 244 3.38 -11.78 -20.28
N TRP A 245 3.32 -12.22 -19.02
CA TRP A 245 2.24 -13.10 -18.59
C TRP A 245 1.01 -12.28 -18.27
N GLY A 246 1.23 -11.04 -17.83
CA GLY A 246 0.16 -10.09 -17.61
C GLY A 246 0.68 -8.79 -16.98
N ASP A 247 -0.23 -7.93 -16.52
CA ASP A 247 0.14 -6.66 -15.91
C ASP A 247 1.17 -6.79 -14.78
N SER A 248 1.13 -7.91 -14.03
CA SER A 248 1.94 -8.07 -12.82
C SER A 248 3.09 -9.05 -12.96
N LEU A 249 3.33 -9.54 -14.20
CA LEU A 249 4.45 -10.41 -14.42
C LEU A 249 4.99 -10.38 -15.85
N GLN A 250 6.26 -10.03 -15.96
CA GLN A 250 6.99 -10.28 -17.17
C GLN A 250 8.37 -10.86 -16.90
N GLY A 251 8.84 -11.70 -17.82
CA GLY A 251 10.13 -12.32 -17.67
C GLY A 251 11.01 -11.87 -18.86
N ILE A 252 12.30 -11.69 -18.61
CA ILE A 252 13.24 -11.26 -19.66
C ILE A 252 14.40 -12.23 -19.61
N PHE A 253 14.49 -13.10 -20.62
CA PHE A 253 15.55 -14.10 -20.67
C PHE A 253 16.63 -13.63 -21.64
N ALA A 254 17.85 -13.49 -21.12
CA ALA A 254 19.01 -12.95 -21.89
C ALA A 254 19.92 -14.10 -22.39
N THR A 255 19.75 -14.48 -23.65
CA THR A 255 20.57 -15.53 -24.22
C THR A 255 22.01 -15.09 -24.40
N GLY A 256 22.92 -15.93 -23.91
CA GLY A 256 24.35 -15.71 -23.96
C GLY A 256 24.92 -14.89 -22.81
N VAL A 257 24.07 -14.50 -21.85
CA VAL A 257 24.48 -13.71 -20.68
C VAL A 257 24.55 -14.62 -19.44
N GLY A 258 25.58 -14.44 -18.65
CA GLY A 258 25.76 -15.18 -17.41
C GLY A 258 25.30 -14.43 -16.17
N HIS A 259 26.05 -14.62 -15.11
CA HIS A 259 25.76 -14.03 -13.81
C HIS A 259 26.51 -12.73 -13.65
N THR A 260 25.83 -11.58 -13.55
CA THR A 260 24.37 -11.40 -13.64
C THR A 260 24.01 -10.71 -14.96
N VAL A 261 22.73 -10.58 -15.22
CA VAL A 261 22.24 -9.74 -16.27
C VAL A 261 22.52 -8.29 -15.82
N PRO A 262 23.24 -7.52 -16.64
CA PRO A 262 23.56 -6.13 -16.24
C PRO A 262 22.28 -5.33 -16.04
N ILE A 263 22.29 -4.37 -15.11
CA ILE A 263 21.13 -3.57 -14.84
C ILE A 263 20.79 -2.71 -16.05
N HIS A 264 19.51 -2.68 -16.44
CA HIS A 264 19.04 -1.84 -17.49
C HIS A 264 18.27 -0.71 -16.80
N GLY A 265 19.00 0.31 -16.35
CA GLY A 265 18.40 1.40 -15.55
C GLY A 265 17.25 2.15 -16.23
N ASP A 266 17.38 2.52 -17.51
CA ASP A 266 16.28 3.20 -18.16
C ASP A 266 15.03 2.28 -18.24
N LYS A 267 15.25 1.01 -18.52
CA LYS A 267 14.15 0.03 -18.54
C LYS A 267 13.46 -0.13 -17.19
N ASP A 268 14.24 -0.02 -16.11
CA ASP A 268 13.68 -0.06 -14.77
C ASP A 268 12.74 1.12 -14.58
N MET A 269 13.18 2.31 -15.00
CA MET A 269 12.37 3.52 -14.95
C MET A 269 11.00 3.35 -15.61
N GLU A 270 11.00 2.64 -16.74
CA GLU A 270 9.80 2.39 -17.53
C GLU A 270 8.91 1.39 -16.80
N TRP A 271 9.51 0.32 -16.25
CA TRP A 271 8.72 -0.71 -15.54
C TRP A 271 8.09 -0.12 -14.29
N PHE A 272 8.89 0.68 -13.57
CA PHE A 272 8.42 1.33 -12.36
C PHE A 272 7.37 2.35 -12.68
N GLY A 273 7.52 3.09 -13.79
CA GLY A 273 6.57 4.12 -14.19
C GLY A 273 7.11 5.53 -14.07
N PHE A 274 8.38 5.67 -13.67
CA PHE A 274 8.96 7.01 -13.60
C PHE A 274 9.07 7.58 -15.01
N ALA A 275 9.36 6.70 -15.97
CA ALA A 275 9.49 7.09 -17.37
C ALA A 275 8.26 6.61 -18.14
N GLY B 2 -4.50 3.32 27.69
CA GLY B 2 -3.25 3.96 27.20
C GLY B 2 -3.57 5.40 27.33
N SER B 3 -3.08 6.21 26.42
CA SER B 3 -3.38 7.63 26.48
C SER B 3 -3.56 8.25 25.08
N LEU B 4 -4.21 9.43 25.07
CA LEU B 4 -4.41 10.20 23.87
C LEU B 4 -3.38 11.28 23.84
N GLN B 5 -2.57 11.28 22.80
CA GLN B 5 -1.42 12.22 22.72
C GLN B 5 -1.54 13.03 21.49
N GLN B 6 -1.20 14.30 21.59
CA GLN B 6 -1.13 15.13 20.41
C GLN B 6 0.22 14.98 19.74
N VAL B 7 0.24 14.94 18.42
CA VAL B 7 1.50 14.84 17.67
C VAL B 7 1.57 16.06 16.76
N THR B 8 2.67 16.80 16.81
CA THR B 8 2.70 18.09 16.09
C THR B 8 3.66 18.14 14.99
N ASP B 9 4.55 17.16 14.91
CA ASP B 9 5.43 17.14 13.74
C ASP B 9 5.32 15.78 13.04
N PHE B 10 4.37 15.70 12.14
CA PHE B 10 4.10 14.42 11.51
C PHE B 10 4.32 14.49 10.01
N GLY B 11 4.86 15.61 9.56
CA GLY B 11 5.13 15.79 8.13
C GLY B 11 4.47 17.04 7.63
N ASP B 12 4.47 17.25 6.32
CA ASP B 12 3.95 18.46 5.70
C ASP B 12 2.49 18.64 6.07
N ASN B 13 2.12 19.82 6.51
CA ASN B 13 0.77 20.08 7.04
C ASN B 13 0.41 21.58 6.88
N PRO B 14 0.42 22.09 5.63
CA PRO B 14 0.18 23.52 5.46
C PRO B 14 -1.20 23.98 5.91
N THR B 15 -2.17 23.09 6.02
CA THR B 15 -3.52 23.50 6.45
C THR B 15 -3.71 23.37 7.94
N ASN B 16 -2.62 23.03 8.63
CA ASN B 16 -2.60 23.00 10.07
C ASN B 16 -3.63 22.05 10.75
N VAL B 17 -3.86 20.90 10.15
CA VAL B 17 -4.73 19.91 10.77
C VAL B 17 -4.09 19.44 12.09
N GLY B 18 -4.90 19.22 13.12
CA GLY B 18 -4.37 18.57 14.29
C GLY B 18 -4.27 17.05 14.20
N MET B 19 -3.35 16.47 14.94
CA MET B 19 -3.24 15.02 15.05
C MET B 19 -3.22 14.54 16.51
N TYR B 20 -4.16 13.67 16.84
CA TYR B 20 -4.16 12.97 18.11
C TYR B 20 -4.18 11.46 17.89
N ILE B 21 -3.44 10.73 18.71
CA ILE B 21 -3.41 9.28 18.59
C ILE B 21 -3.74 8.65 19.92
N TYR B 22 -4.49 7.58 19.90
CA TYR B 22 -4.60 6.74 21.08
C TYR B 22 -3.74 5.47 20.89
N VAL B 23 -2.75 5.31 21.76
CA VAL B 23 -1.91 4.12 21.74
C VAL B 23 -2.37 3.22 22.88
N PRO B 24 -2.96 2.05 22.56
CA PRO B 24 -3.50 1.23 23.66
C PRO B 24 -2.40 0.69 24.60
N ASN B 25 -2.76 0.48 25.85
CA ASN B 25 -1.94 -0.33 26.77
C ASN B 25 -1.61 -1.70 26.16
N ASN B 26 -2.60 -2.37 25.60
CA ASN B 26 -2.42 -3.70 24.98
C ASN B 26 -2.07 -3.55 23.47
N LEU B 27 -1.06 -2.73 23.20
CA LEU B 27 -0.52 -2.54 21.85
C LEU B 27 0.00 -3.84 21.26
N ALA B 28 -0.48 -4.20 20.06
CA ALA B 28 0.01 -5.39 19.39
C ALA B 28 1.48 -5.22 19.00
N SER B 29 2.10 -6.36 18.70
CA SER B 29 3.51 -6.35 18.29
C SER B 29 3.75 -5.57 16.99
N ASN B 30 2.82 -5.74 16.08
CA ASN B 30 2.84 -5.07 14.80
C ASN B 30 1.44 -4.50 14.61
N PRO B 31 1.16 -3.36 15.23
CA PRO B 31 -0.21 -2.88 15.30
C PRO B 31 -0.79 -2.41 13.97
N GLY B 32 -2.09 -2.60 13.82
CA GLY B 32 -2.82 -1.93 12.77
C GLY B 32 -3.05 -0.47 13.14
N ILE B 33 -3.76 0.22 12.24
CA ILE B 33 -4.13 1.63 12.44
C ILE B 33 -5.57 1.82 12.03
N VAL B 34 -6.35 2.49 12.86
CA VAL B 34 -7.66 3.03 12.48
C VAL B 34 -7.65 4.54 12.53
N VAL B 35 -7.98 5.17 11.38
CA VAL B 35 -8.12 6.61 11.30
C VAL B 35 -9.60 6.88 11.48
N ALA B 36 -9.94 7.64 12.51
CA ALA B 36 -11.34 7.88 12.88
C ALA B 36 -11.60 9.37 12.83
N ILE B 37 -12.47 9.79 11.91
CA ILE B 37 -12.55 11.21 11.50
C ILE B 37 -13.87 11.88 11.94
N HIS B 38 -13.76 12.96 12.73
CA HIS B 38 -14.86 13.57 13.41
C HIS B 38 -15.84 14.34 12.47
N TYR B 39 -17.00 14.67 13.03
CA TYR B 39 -18.08 15.44 12.38
C TYR B 39 -17.90 16.95 12.55
N CYS B 40 -18.71 17.76 11.85
CA CYS B 40 -18.68 19.21 12.08
C CYS B 40 -18.97 19.54 13.54
N THR B 41 -18.45 20.67 13.98
CA THR B 41 -18.49 21.12 15.37
C THR B 41 -17.67 20.23 16.32
N GLY B 42 -17.11 19.14 15.80
CA GLY B 42 -16.32 18.24 16.67
C GLY B 42 -14.82 18.49 16.55
N THR B 43 -14.04 17.62 17.18
CA THR B 43 -12.60 17.66 17.10
C THR B 43 -12.12 16.21 17.19
N GLY B 44 -10.81 15.98 16.98
CA GLY B 44 -10.27 14.62 17.11
C GLY B 44 -10.47 14.01 18.50
N PRO B 45 -10.08 14.75 19.57
CA PRO B 45 -10.36 14.27 20.93
C PRO B 45 -11.81 14.07 21.20
N GLY B 46 -12.63 14.93 20.66
CA GLY B 46 -14.07 14.70 20.75
C GLY B 46 -14.54 13.40 20.19
N TYR B 47 -14.00 13.02 19.01
CA TYR B 47 -14.40 11.75 18.36
C TYR B 47 -13.85 10.58 19.13
N TYR B 48 -12.64 10.75 19.69
CA TYR B 48 -12.07 9.76 20.65
C TYR B 48 -13.08 9.50 21.78
N GLY B 49 -13.65 10.58 22.32
CA GLY B 49 -14.61 10.49 23.42
C GLY B 49 -15.95 9.89 23.08
N ASP B 50 -16.28 9.90 21.79
CA ASP B 50 -17.62 9.59 21.30
C ASP B 50 -17.58 8.49 20.22
N SER B 51 -16.66 7.54 20.32
CA SER B 51 -16.58 6.43 19.38
C SER B 51 -15.99 5.25 20.20
N PRO B 52 -16.22 4.01 19.76
CA PRO B 52 -15.73 2.79 20.40
C PRO B 52 -14.27 2.38 20.10
N TYR B 53 -13.57 3.11 19.23
CA TYR B 53 -12.27 2.68 18.73
C TYR B 53 -11.17 2.54 19.80
N ALA B 54 -11.11 3.47 20.74
CA ALA B 54 -10.12 3.38 21.80
C ALA B 54 -10.36 2.10 22.66
N THR B 55 -11.62 1.80 22.95
CA THR B 55 -12.01 0.58 23.66
C THR B 55 -11.62 -0.68 22.87
N LEU B 56 -12.00 -0.70 21.59
CA LEU B 56 -11.69 -1.83 20.72
C LEU B 56 -10.17 -2.00 20.53
N SER B 57 -9.44 -0.89 20.54
CA SER B 57 -7.97 -0.98 20.40
C SER B 57 -7.28 -1.73 21.56
N GLU B 58 -7.92 -1.74 22.75
CA GLU B 58 -7.42 -2.51 23.88
C GLU B 58 -7.64 -4.00 23.71
N GLN B 59 -8.59 -4.36 22.84
CA GLN B 59 -8.83 -5.73 22.46
C GLN B 59 -7.92 -6.18 21.34
N TYR B 60 -7.77 -5.33 20.32
CA TYR B 60 -7.14 -5.75 19.05
C TYR B 60 -5.73 -5.20 18.83
N GLY B 61 -5.35 -4.24 19.66
CA GLY B 61 -4.00 -3.74 19.76
C GLY B 61 -3.55 -2.79 18.68
N PHE B 62 -4.51 -2.25 17.91
CA PHE B 62 -4.21 -1.21 16.92
C PHE B 62 -4.07 0.18 17.54
N ILE B 63 -3.47 1.09 16.81
CA ILE B 63 -3.37 2.50 17.17
C ILE B 63 -4.55 3.22 16.50
N VAL B 64 -5.12 4.19 17.20
CA VAL B 64 -6.17 5.05 16.59
C VAL B 64 -5.67 6.46 16.37
N ILE B 65 -5.84 6.96 15.14
CA ILE B 65 -5.48 8.33 14.78
C ILE B 65 -6.76 9.14 14.66
N TYR B 66 -6.87 10.25 15.40
CA TYR B 66 -8.03 11.14 15.31
C TYR B 66 -7.59 12.47 14.76
N PRO B 67 -7.73 12.70 13.43
CA PRO B 67 -7.40 14.01 12.86
C PRO B 67 -8.36 15.06 13.38
N SER B 68 -7.91 16.31 13.43
CA SER B 68 -8.70 17.37 14.06
C SER B 68 -8.76 18.61 13.14
N SER B 69 -9.98 18.97 12.75
CA SER B 69 -10.16 20.02 11.77
C SER B 69 -9.62 21.34 12.24
N PRO B 70 -8.92 22.06 11.36
CA PRO B 70 -8.40 23.36 11.75
C PRO B 70 -9.39 24.51 11.59
N TYR B 71 -10.57 24.24 11.06
CA TYR B 71 -11.48 25.31 10.57
C TYR B 71 -12.56 25.67 11.57
N SER B 72 -12.94 26.95 11.54
CA SER B 72 -14.04 27.40 12.37
C SER B 72 -15.27 26.59 11.96
N GLY B 73 -16.01 26.11 12.94
CA GLY B 73 -17.19 25.27 12.66
C GLY B 73 -16.86 23.78 12.66
N GLY B 74 -15.58 23.46 12.62
CA GLY B 74 -15.12 22.07 12.74
C GLY B 74 -15.46 21.11 11.62
N CYS B 75 -15.89 21.59 10.45
CA CYS B 75 -16.07 20.68 9.31
C CYS B 75 -14.71 20.43 8.66
N TRP B 76 -14.65 19.39 7.85
CA TRP B 76 -13.49 19.08 7.01
C TRP B 76 -13.53 19.76 5.65
N ASP B 77 -12.37 20.16 5.14
CA ASP B 77 -12.31 20.59 3.73
C ASP B 77 -12.40 19.35 2.87
N VAL B 78 -13.55 19.18 2.23
CA VAL B 78 -13.76 18.17 1.21
C VAL B 78 -14.24 18.82 -0.11
N SER B 79 -13.85 20.09 -0.31
CA SER B 79 -14.28 20.85 -1.50
C SER B 79 -13.18 21.42 -2.39
N SER B 80 -12.00 21.73 -1.84
CA SER B 80 -10.94 22.40 -2.61
C SER B 80 -10.21 21.46 -3.49
N GLN B 81 -9.52 21.98 -4.50
CA GLN B 81 -8.68 21.12 -5.34
C GLN B 81 -7.57 20.48 -4.52
N ALA B 82 -7.09 21.21 -3.54
CA ALA B 82 -5.95 20.79 -2.73
C ALA B 82 -6.30 19.51 -1.97
N THR B 83 -7.52 19.47 -1.44
CA THR B 83 -7.98 18.36 -0.66
C THR B 83 -8.50 17.21 -1.53
N LEU B 84 -8.99 17.54 -2.72
CA LEU B 84 -9.54 16.56 -3.66
C LEU B 84 -8.55 16.03 -4.71
N THR B 85 -7.26 16.20 -4.47
CA THR B 85 -6.23 15.66 -5.34
C THR B 85 -5.12 15.00 -4.53
N HIS B 86 -4.69 13.82 -4.98
CA HIS B 86 -3.48 13.16 -4.44
C HIS B 86 -2.31 14.11 -4.43
N ASN B 87 -1.67 14.26 -3.27
CA ASN B 87 -0.55 15.20 -3.10
C ASN B 87 -0.90 16.65 -3.34
N GLY B 88 -2.17 17.00 -3.21
CA GLY B 88 -2.55 18.37 -3.39
C GLY B 88 -2.33 19.31 -2.23
N GLY B 89 -1.96 18.77 -1.07
CA GLY B 89 -1.55 19.56 0.09
C GLY B 89 -2.66 20.01 1.04
N GLY B 90 -3.91 19.59 0.77
CA GLY B 90 -5.05 19.97 1.59
C GLY B 90 -5.20 19.08 2.83
N ASN B 91 -6.32 19.18 3.53
CA ASN B 91 -6.59 18.42 4.75
C ASN B 91 -6.29 16.93 4.53
N SER B 92 -6.77 16.41 3.41
CA SER B 92 -6.64 14.99 3.15
C SER B 92 -5.14 14.55 3.12
N ASN B 93 -4.28 15.40 2.53
CA ASN B 93 -2.81 15.17 2.48
C ASN B 93 -2.18 15.11 3.87
N SER B 94 -2.66 15.99 4.77
CA SER B 94 -2.23 15.99 6.16
C SER B 94 -2.59 14.67 6.85
N ILE B 95 -3.80 14.17 6.63
CA ILE B 95 -4.23 12.91 7.20
C ILE B 95 -3.37 11.77 6.70
N ALA B 96 -3.05 11.79 5.41
CA ALA B 96 -2.17 10.81 4.82
C ALA B 96 -0.82 10.81 5.57
N ASN B 97 -0.30 12.00 5.88
CA ASN B 97 0.98 12.14 6.58
C ASN B 97 0.94 11.64 8.03
N MET B 98 -0.24 11.75 8.67
CA MET B 98 -0.41 11.22 10.03
C MET B 98 -0.25 9.69 9.99
N VAL B 99 -0.82 9.07 8.96
CA VAL B 99 -0.74 7.63 8.76
C VAL B 99 0.74 7.22 8.64
N THR B 100 1.48 7.85 7.73
CA THR B 100 2.82 7.35 7.45
C THR B 100 3.74 7.64 8.62
N TRP B 101 3.55 8.76 9.33
CA TRP B 101 4.28 9.06 10.59
C TRP B 101 4.09 7.92 11.61
N THR B 102 2.85 7.47 11.75
CA THR B 102 2.50 6.51 12.74
C THR B 102 3.07 5.14 12.41
N ILE B 103 3.02 4.80 11.12
CA ILE B 103 3.52 3.52 10.66
C ILE B 103 5.00 3.39 11.05
N SER B 104 5.77 4.40 10.73
CA SER B 104 7.20 4.41 11.08
C SER B 104 7.48 4.52 12.59
N LYS B 105 6.94 5.50 13.26
CA LYS B 105 7.14 5.65 14.72
C LYS B 105 6.81 4.41 15.56
N TYR B 106 5.73 3.70 15.23
CA TYR B 106 5.28 2.58 16.05
C TYR B 106 5.50 1.21 15.44
N GLY B 107 6.10 1.16 14.26
CA GLY B 107 6.27 -0.13 13.56
C GLY B 107 4.93 -0.73 13.27
N ALA B 108 3.96 0.14 12.95
CA ALA B 108 2.60 -0.35 12.62
C ALA B 108 2.58 -1.09 11.27
N ASP B 109 1.66 -2.00 11.11
CA ASP B 109 1.63 -2.79 9.91
C ASP B 109 0.92 -2.01 8.81
N SER B 110 1.65 -1.62 7.76
CA SER B 110 1.04 -0.80 6.68
C SER B 110 -0.09 -1.47 5.88
N SER B 111 -0.18 -2.80 5.98
CA SER B 111 -1.20 -3.57 5.29
C SER B 111 -2.47 -3.62 6.13
N LYS B 112 -2.41 -3.08 7.35
CA LYS B 112 -3.58 -3.12 8.27
C LYS B 112 -4.01 -1.68 8.71
N VAL B 113 -4.25 -0.80 7.73
CA VAL B 113 -4.61 0.60 7.97
C VAL B 113 -6.00 0.87 7.40
N PHE B 114 -6.88 1.40 8.24
CA PHE B 114 -8.29 1.57 7.94
C PHE B 114 -8.72 3.01 8.21
N VAL B 115 -9.83 3.42 7.61
CA VAL B 115 -10.27 4.80 7.77
C VAL B 115 -11.80 4.79 7.86
N THR B 116 -12.33 5.56 8.79
CA THR B 116 -13.75 5.65 9.06
C THR B 116 -14.08 7.00 9.61
N GLY B 117 -15.33 7.43 9.53
CA GLY B 117 -15.70 8.73 10.03
C GLY B 117 -17.19 8.91 9.96
N SER B 118 -17.69 10.02 10.51
CA SER B 118 -19.12 10.27 10.58
C SER B 118 -19.39 11.67 10.06
N SER B 119 -20.48 11.83 9.31
CA SER B 119 -20.90 13.10 8.77
C SER B 119 -19.77 13.74 7.94
N SER B 120 -19.32 14.96 8.26
CA SER B 120 -18.17 15.58 7.58
C SER B 120 -16.95 14.61 7.51
N GLY B 121 -16.69 13.86 8.57
CA GLY B 121 -15.59 12.88 8.57
C GLY B 121 -15.82 11.69 7.66
N ALA B 122 -17.09 11.37 7.41
CA ALA B 122 -17.47 10.36 6.45
C ALA B 122 -17.25 10.87 5.05
N MET B 123 -17.59 12.16 4.80
CA MET B 123 -17.27 12.77 3.51
C MET B 123 -15.76 12.65 3.30
N MET B 124 -15.03 12.91 4.35
CA MET B 124 -13.56 12.86 4.25
C MET B 124 -13.05 11.45 4.08
N THR B 125 -13.76 10.50 4.66
CA THR B 125 -13.42 9.10 4.48
C THR B 125 -13.44 8.72 3.00
N ASN B 126 -14.51 9.11 2.30
CA ASN B 126 -14.59 8.83 0.87
C ASN B 126 -13.49 9.52 0.12
N VAL B 127 -13.17 10.75 0.52
CA VAL B 127 -12.08 11.50 -0.12
C VAL B 127 -10.70 10.87 0.15
N MET B 128 -10.48 10.43 1.39
CA MET B 128 -9.22 9.69 1.69
C MET B 128 -9.12 8.46 0.80
N ALA B 129 -10.22 7.74 0.62
CA ALA B 129 -10.21 6.50 -0.18
C ALA B 129 -9.83 6.82 -1.64
N ALA B 130 -10.27 7.97 -2.17
CA ALA B 130 -9.97 8.36 -3.57
C ALA B 130 -8.62 9.03 -3.74
N THR B 131 -8.18 9.79 -2.74
CA THR B 131 -6.94 10.56 -2.87
C THR B 131 -5.69 9.76 -2.41
N TYR B 132 -5.84 8.87 -1.42
CA TYR B 132 -4.72 8.06 -0.91
C TYR B 132 -5.10 6.60 -0.87
N PRO B 133 -5.61 6.07 -2.01
CA PRO B 133 -6.07 4.68 -1.98
C PRO B 133 -5.00 3.72 -1.52
N GLU B 134 -3.73 4.07 -1.81
CA GLU B 134 -2.59 3.21 -1.50
C GLU B 134 -2.45 2.95 -0.01
N LEU B 135 -3.00 3.82 0.84
CA LEU B 135 -2.81 3.70 2.30
C LEU B 135 -3.74 2.75 3.01
N PHE B 136 -4.90 2.47 2.42
CA PHE B 136 -6.03 1.90 3.15
C PHE B 136 -6.53 0.54 2.63
N ALA B 137 -6.63 -0.43 3.54
CA ALA B 137 -7.14 -1.75 3.20
C ALA B 137 -8.66 -1.75 3.11
N ALA B 138 -9.30 -0.95 3.97
CA ALA B 138 -10.75 -0.90 3.98
C ALA B 138 -11.17 0.42 4.60
N ALA B 139 -12.41 0.83 4.35
CA ALA B 139 -12.99 2.02 4.91
C ALA B 139 -14.46 1.83 5.24
N THR B 140 -14.92 2.50 6.30
CA THR B 140 -16.31 2.45 6.72
C THR B 140 -16.83 3.86 6.84
N VAL B 141 -17.89 4.14 6.08
CA VAL B 141 -18.44 5.51 5.97
C VAL B 141 -19.77 5.60 6.71
N TYR B 142 -19.85 6.44 7.74
CA TYR B 142 -21.12 6.65 8.46
C TYR B 142 -21.73 7.98 8.10
N SER B 143 -22.67 7.92 7.16
CA SER B 143 -23.50 9.10 6.80
C SER B 143 -22.69 10.22 6.19
N GLY B 144 -22.13 9.96 5.03
CA GLY B 144 -21.36 10.97 4.29
C GLY B 144 -21.97 11.34 2.92
N VAL B 145 -21.14 11.92 2.04
CA VAL B 145 -21.48 12.15 0.64
C VAL B 145 -20.35 11.56 -0.16
N SER B 146 -20.60 11.27 -1.43
CA SER B 146 -19.62 10.60 -2.29
C SER B 146 -18.36 11.47 -2.46
N ALA B 147 -17.25 10.85 -2.81
CA ALA B 147 -16.03 11.63 -3.06
C ALA B 147 -16.26 12.61 -4.20
N GLY B 148 -16.04 13.89 -3.91
CA GLY B 148 -16.19 14.97 -4.86
C GLY B 148 -17.60 15.54 -4.95
N CYS B 149 -18.55 15.02 -4.18
CA CYS B 149 -19.87 15.61 -4.11
C CYS B 149 -19.85 17.00 -3.49
N PHE B 150 -18.86 17.28 -2.62
CA PHE B 150 -18.71 18.60 -2.04
C PHE B 150 -17.72 19.45 -2.80
N TYR B 151 -17.37 19.01 -3.98
CA TYR B 151 -16.60 19.86 -4.92
C TYR B 151 -17.14 21.31 -4.90
N SER B 152 -16.21 22.27 -4.75
CA SER B 152 -16.54 23.69 -4.91
C SER B 152 -16.13 24.18 -6.32
N ASN B 153 -17.10 24.73 -7.06
CA ASN B 153 -16.82 25.19 -8.43
C ASN B 153 -16.05 26.50 -8.50
N THR B 154 -15.71 27.05 -7.34
CA THR B 154 -14.82 28.21 -7.20
C THR B 154 -13.59 27.91 -6.29
N ASN B 155 -13.26 26.62 -6.11
CA ASN B 155 -12.08 26.20 -5.31
C ASN B 155 -12.09 26.70 -3.85
N GLN B 156 -13.26 26.70 -3.22
CA GLN B 156 -13.38 27.16 -1.87
C GLN B 156 -12.85 26.04 -0.97
N VAL B 157 -12.26 26.41 0.15
CA VAL B 157 -11.76 25.47 1.11
C VAL B 157 -12.84 25.30 2.18
N ASP B 158 -13.19 24.08 2.53
CA ASP B 158 -14.20 23.83 3.58
C ASP B 158 -15.52 24.48 3.26
N GLY B 159 -15.94 24.38 2.01
CA GLY B 159 -17.18 24.95 1.58
C GLY B 159 -18.30 23.93 1.61
N TRP B 160 -19.43 24.29 2.15
CA TRP B 160 -20.59 23.40 2.19
C TRP B 160 -21.31 23.43 0.83
N ASN B 161 -21.49 22.30 0.18
CA ASN B 161 -22.21 22.25 -1.11
C ASN B 161 -23.67 21.83 -0.87
N SER B 162 -24.57 22.80 -0.86
CA SER B 162 -26.00 22.57 -0.48
C SER B 162 -26.72 21.66 -1.45
N THR B 163 -26.43 21.82 -2.73
CA THR B 163 -26.96 20.96 -3.77
C THR B 163 -26.69 19.51 -3.51
N CYS B 164 -25.43 19.21 -3.15
CA CYS B 164 -25.04 17.86 -2.78
C CYS B 164 -25.75 17.37 -1.49
N ALA B 165 -25.66 18.13 -0.42
CA ALA B 165 -26.24 17.71 0.86
C ALA B 165 -27.77 17.42 0.73
N GLN B 166 -28.45 18.26 -0.07
CA GLN B 166 -29.92 18.15 -0.22
C GLN B 166 -30.33 17.10 -1.19
N GLY B 167 -29.36 16.35 -1.68
CA GLY B 167 -29.63 15.19 -2.54
C GLY B 167 -30.00 15.53 -3.98
N ASP B 168 -29.69 16.77 -4.39
CA ASP B 168 -29.91 17.24 -5.73
C ASP B 168 -28.85 16.84 -6.77
N VAL B 169 -27.72 16.27 -6.35
CA VAL B 169 -26.71 15.87 -7.29
C VAL B 169 -26.89 14.39 -7.54
N ILE B 170 -27.39 14.07 -8.73
CA ILE B 170 -27.69 12.68 -9.08
C ILE B 170 -27.07 12.41 -10.43
N THR B 171 -26.27 11.35 -10.54
CA THR B 171 -25.62 11.02 -11.82
C THR B 171 -25.27 9.55 -11.87
N THR B 172 -24.47 9.13 -12.86
CA THR B 172 -24.24 7.72 -13.10
C THR B 172 -23.00 7.19 -12.33
N PRO B 173 -22.97 5.87 -12.06
CA PRO B 173 -21.75 5.24 -11.58
C PRO B 173 -20.53 5.69 -12.40
N GLU B 174 -20.67 5.71 -13.72
CA GLU B 174 -19.57 6.08 -14.64
C GLU B 174 -19.00 7.45 -14.34
N HIS B 175 -19.92 8.42 -14.16
CA HIS B 175 -19.57 9.80 -13.89
C HIS B 175 -18.93 9.94 -12.51
N TRP B 176 -19.57 9.41 -11.45
CA TRP B 176 -18.96 9.38 -10.12
C TRP B 176 -17.59 8.68 -10.09
N ALA B 177 -17.43 7.57 -10.81
CA ALA B 177 -16.15 6.86 -10.87
C ALA B 177 -15.05 7.68 -11.52
N SER B 178 -15.41 8.37 -12.60
CA SER B 178 -14.50 9.24 -13.29
C SER B 178 -14.04 10.35 -12.33
N ILE B 179 -14.99 10.88 -11.54
CA ILE B 179 -14.70 11.92 -10.54
C ILE B 179 -13.71 11.42 -9.45
N ALA B 180 -13.94 10.22 -8.94
CA ALA B 180 -13.06 9.59 -7.96
C ALA B 180 -11.70 9.31 -8.59
N GLU B 181 -11.69 8.85 -9.83
CA GLU B 181 -10.45 8.50 -10.51
C GLU B 181 -9.55 9.69 -10.73
N ALA B 182 -10.14 10.83 -11.06
CA ALA B 182 -9.41 12.05 -11.26
C ALA B 182 -8.71 12.57 -9.97
N MET B 183 -9.11 12.07 -8.80
CA MET B 183 -8.48 12.51 -7.55
C MET B 183 -7.07 11.92 -7.44
N TYR B 184 -6.82 10.82 -8.15
CA TYR B 184 -5.46 10.32 -8.31
C TYR B 184 -5.32 9.83 -9.76
N SER B 185 -5.11 10.76 -10.67
CA SER B 185 -5.22 10.45 -12.11
C SER B 185 -4.20 9.41 -12.48
N GLY B 186 -4.66 8.35 -13.12
CA GLY B 186 -3.77 7.30 -13.63
C GLY B 186 -3.35 6.24 -12.61
N TYR B 187 -3.74 6.39 -11.36
CA TYR B 187 -3.56 5.32 -10.36
C TYR B 187 -4.32 4.04 -10.76
N SER B 188 -3.66 2.92 -10.73
CA SER B 188 -4.35 1.68 -11.03
C SER B 188 -4.04 0.60 -10.01
N GLY B 189 -3.57 1.00 -8.83
CA GLY B 189 -3.27 0.06 -7.76
C GLY B 189 -4.47 -0.32 -6.90
N SER B 190 -4.24 -0.89 -5.74
CA SER B 190 -5.33 -1.34 -4.90
C SER B 190 -6.03 -0.20 -4.21
N ARG B 191 -7.29 -0.42 -3.85
CA ARG B 191 -8.14 0.59 -3.27
C ARG B 191 -8.79 -0.05 -2.03
N PRO B 192 -9.08 0.74 -1.00
CA PRO B 192 -9.78 0.12 0.15
C PRO B 192 -11.15 -0.42 -0.22
N ARG B 193 -11.48 -1.59 0.34
CA ARG B 193 -12.84 -2.10 0.39
C ARG B 193 -13.75 -1.10 1.10
N MET B 194 -14.88 -0.74 0.49
CA MET B 194 -15.76 0.28 1.03
C MET B 194 -17.04 -0.28 1.65
N GLN B 195 -17.37 0.21 2.84
CA GLN B 195 -18.63 -0.06 3.49
C GLN B 195 -19.35 1.26 3.79
N ILE B 196 -20.55 1.43 3.21
CA ILE B 196 -21.24 2.69 3.26
C ILE B 196 -22.55 2.59 4.03
N TYR B 197 -22.65 3.29 5.15
CA TYR B 197 -23.87 3.33 5.96
C TYR B 197 -24.59 4.66 5.74
N HIS B 198 -25.92 4.61 5.67
CA HIS B 198 -26.64 5.85 5.61
C HIS B 198 -28.04 5.59 6.12
N GLY B 199 -28.63 6.60 6.72
CA GLY B 199 -29.97 6.52 7.28
C GLY B 199 -31.02 7.14 6.36
N SER B 200 -32.25 6.60 6.40
CA SER B 200 -33.31 6.97 5.46
C SER B 200 -34.06 8.24 5.83
N ILE B 201 -33.85 8.76 7.02
CA ILE B 201 -34.45 9.99 7.43
C ILE B 201 -33.38 11.02 7.82
N ASP B 202 -32.22 10.90 7.18
CA ASP B 202 -31.15 11.91 7.32
C ASP B 202 -31.59 13.24 6.69
N THR B 203 -31.70 14.29 7.49
CA THR B 203 -32.08 15.60 7.03
C THR B 203 -30.94 16.62 7.01
N THR B 204 -29.71 16.10 7.07
CA THR B 204 -28.51 16.90 6.89
C THR B 204 -27.89 16.57 5.58
N LEU B 205 -27.57 15.31 5.38
CA LEU B 205 -27.07 14.78 4.11
C LEU B 205 -28.11 13.81 3.69
N TYR B 206 -29.01 14.30 2.83
CA TYR B 206 -30.26 13.56 2.50
C TYR B 206 -29.98 12.23 1.81
N PRO B 207 -30.91 11.28 1.90
CA PRO B 207 -30.55 9.87 1.61
C PRO B 207 -30.11 9.56 0.16
N GLN B 208 -30.43 10.45 -0.80
CA GLN B 208 -30.00 10.21 -2.15
C GLN B 208 -28.47 9.99 -2.16
N ASN B 209 -27.76 10.62 -1.23
CA ASN B 209 -26.30 10.49 -1.17
C ASN B 209 -25.84 9.08 -0.86
N TYR B 210 -26.67 8.31 -0.14
CA TYR B 210 -26.39 6.89 -0.04
C TYR B 210 -26.25 6.23 -1.41
N TYR B 211 -27.24 6.44 -2.27
CA TYR B 211 -27.20 5.82 -3.58
C TYR B 211 -26.07 6.35 -4.47
N GLU B 212 -25.78 7.66 -4.40
CA GLU B 212 -24.73 8.27 -5.21
C GLU B 212 -23.36 7.66 -4.83
N THR B 213 -23.20 7.41 -3.53
CA THR B 213 -21.90 6.87 -3.01
C THR B 213 -21.73 5.45 -3.42
N CYS B 214 -22.80 4.67 -3.38
CA CYS B 214 -22.73 3.28 -3.75
C CYS B 214 -22.54 3.18 -5.27
N LYS B 215 -23.17 4.10 -6.01
CA LYS B 215 -22.93 4.19 -7.45
C LYS B 215 -21.44 4.43 -7.75
N GLN B 216 -20.86 5.38 -7.01
CA GLN B 216 -19.47 5.76 -7.22
C GLN B 216 -18.53 4.57 -7.09
N TRP B 217 -18.65 3.85 -5.94
CA TRP B 217 -17.67 2.77 -5.68
C TRP B 217 -17.96 1.58 -6.59
N ALA B 218 -19.24 1.39 -6.91
CA ALA B 218 -19.61 0.35 -7.90
C ALA B 218 -18.88 0.63 -9.25
N GLY B 219 -18.94 1.88 -9.71
CA GLY B 219 -18.28 2.33 -10.92
C GLY B 219 -16.76 2.21 -10.83
N VAL B 220 -16.19 2.56 -9.66
CA VAL B 220 -14.74 2.43 -9.42
C VAL B 220 -14.25 0.96 -9.50
N PHE B 221 -15.02 0.04 -8.94
CA PHE B 221 -14.57 -1.33 -8.86
C PHE B 221 -15.07 -2.20 -10.03
N GLY B 222 -15.78 -1.55 -10.95
CA GLY B 222 -16.41 -2.21 -12.09
C GLY B 222 -17.51 -3.19 -11.74
N TYR B 223 -18.30 -2.89 -10.71
CA TYR B 223 -19.47 -3.69 -10.36
C TYR B 223 -20.64 -3.10 -11.10
N ASP B 224 -21.63 -3.92 -11.39
CA ASP B 224 -22.88 -3.44 -11.95
C ASP B 224 -23.74 -2.90 -10.84
N TYR B 225 -23.89 -1.57 -10.78
CA TYR B 225 -24.64 -0.95 -9.71
C TYR B 225 -26.05 -1.52 -9.63
N SER B 226 -26.66 -1.78 -10.79
CA SER B 226 -28.04 -2.27 -10.80
C SER B 226 -28.14 -3.75 -10.45
N ALA B 227 -27.01 -4.45 -10.44
CA ALA B 227 -27.01 -5.88 -10.17
C ALA B 227 -26.13 -6.29 -8.97
N PRO B 228 -26.56 -5.96 -7.74
CA PRO B 228 -25.79 -6.43 -6.61
C PRO B 228 -25.73 -7.94 -6.55
N GLU B 229 -24.73 -8.45 -5.86
CA GLU B 229 -24.52 -9.86 -5.60
C GLU B 229 -25.57 -10.45 -4.65
N LYS B 230 -26.01 -9.66 -3.67
CA LYS B 230 -26.81 -10.20 -2.56
C LYS B 230 -27.45 -9.07 -1.79
N THR B 231 -28.63 -9.28 -1.26
CA THR B 231 -29.20 -8.31 -0.32
C THR B 231 -29.68 -9.01 0.94
N GLU B 232 -29.23 -8.53 2.09
CA GLU B 232 -29.49 -9.18 3.34
C GLU B 232 -30.40 -8.30 4.18
N ALA B 233 -31.61 -8.80 4.42
CA ALA B 233 -32.64 -8.10 5.17
C ALA B 233 -32.25 -8.08 6.64
N ASN B 234 -32.68 -7.04 7.34
CA ASN B 234 -32.46 -6.90 8.77
C ASN B 234 -31.05 -7.30 9.23
N THR B 235 -30.07 -6.87 8.42
CA THR B 235 -28.64 -7.07 8.64
C THR B 235 -27.96 -5.69 8.58
N PRO B 236 -27.19 -5.31 9.63
CA PRO B 236 -26.83 -6.13 10.82
C PRO B 236 -27.88 -6.14 11.95
N GLN B 237 -29.09 -5.62 11.69
CA GLN B 237 -30.12 -5.50 12.74
C GLN B 237 -31.44 -5.05 12.08
N THR B 238 -32.50 -5.01 12.89
CA THR B 238 -33.84 -4.75 12.40
C THR B 238 -33.89 -3.40 11.73
N ASN B 239 -34.40 -3.41 10.53
CA ASN B 239 -34.59 -2.22 9.72
C ASN B 239 -33.31 -1.64 9.09
N TYR B 240 -32.22 -2.38 9.14
CA TYR B 240 -31.06 -2.09 8.33
C TYR B 240 -31.07 -3.12 7.23
N GLU B 241 -30.76 -2.66 6.02
CA GLU B 241 -30.60 -3.58 4.89
C GLU B 241 -29.21 -3.46 4.27
N THR B 242 -28.53 -4.59 4.16
CA THR B 242 -27.17 -4.70 3.59
C THR B 242 -27.22 -5.21 2.16
N THR B 243 -26.66 -4.40 1.28
CA THR B 243 -26.52 -4.76 -0.13
C THR B 243 -25.05 -5.00 -0.40
N ILE B 244 -24.72 -6.18 -0.89
CA ILE B 244 -23.35 -6.50 -1.23
C ILE B 244 -23.19 -6.54 -2.76
N TRP B 245 -22.35 -5.65 -3.28
CA TRP B 245 -22.04 -5.63 -4.71
C TRP B 245 -20.84 -6.52 -5.02
N GLY B 246 -19.98 -6.71 -4.00
CA GLY B 246 -18.80 -7.54 -4.11
C GLY B 246 -17.86 -7.38 -2.91
N ASP B 247 -16.68 -7.98 -2.98
CA ASP B 247 -15.72 -7.91 -1.89
C ASP B 247 -15.30 -6.47 -1.54
N SER B 248 -15.33 -5.59 -2.51
CA SER B 248 -14.86 -4.20 -2.28
C SER B 248 -15.97 -3.20 -2.09
N LEU B 249 -17.23 -3.68 -2.06
CA LEU B 249 -18.35 -2.75 -1.82
C LEU B 249 -19.61 -3.36 -1.20
N GLN B 250 -19.97 -2.87 -0.02
CA GLN B 250 -21.31 -3.04 0.51
C GLN B 250 -21.91 -1.74 1.07
N GLY B 251 -23.22 -1.60 0.96
CA GLY B 251 -23.93 -0.48 1.51
C GLY B 251 -24.88 -1.00 2.56
N ILE B 252 -25.06 -0.24 3.64
CA ILE B 252 -25.99 -0.55 4.68
C ILE B 252 -26.94 0.65 4.86
N PHE B 253 -28.20 0.43 4.45
CA PHE B 253 -29.25 1.48 4.55
C PHE B 253 -30.10 1.27 5.79
N ALA B 254 -30.13 2.25 6.68
CA ALA B 254 -30.83 2.14 7.93
C ALA B 254 -32.14 2.92 7.86
N THR B 255 -33.20 2.16 7.67
CA THR B 255 -34.57 2.73 7.73
C THR B 255 -34.93 3.22 9.10
N GLY B 256 -35.42 4.46 9.17
CA GLY B 256 -35.85 5.07 10.40
C GLY B 256 -34.74 5.72 11.22
N VAL B 257 -33.55 5.81 10.60
CA VAL B 257 -32.38 6.38 11.23
C VAL B 257 -31.98 7.64 10.47
N GLY B 258 -31.65 8.68 11.21
CA GLY B 258 -31.26 9.96 10.64
C GLY B 258 -29.75 10.22 10.64
N HIS B 259 -29.38 11.47 10.88
CA HIS B 259 -27.95 11.88 10.84
C HIS B 259 -27.42 11.77 12.26
N THR B 260 -26.51 10.85 12.58
CA THR B 260 -25.85 9.94 11.64
C THR B 260 -26.23 8.53 12.02
N VAL B 261 -25.98 7.56 11.13
CA VAL B 261 -26.06 6.16 11.55
C VAL B 261 -25.04 5.90 12.71
N PRO B 262 -25.51 5.37 13.88
CA PRO B 262 -24.63 5.10 15.04
C PRO B 262 -23.52 4.16 14.62
N ILE B 263 -22.30 4.44 15.09
CA ILE B 263 -21.16 3.58 14.79
C ILE B 263 -21.46 2.16 15.27
N HIS B 264 -21.21 1.16 14.43
CA HIS B 264 -21.28 -0.23 14.80
C HIS B 264 -19.84 -0.75 14.96
N GLY B 265 -19.25 -0.55 16.14
CA GLY B 265 -17.82 -0.84 16.34
C GLY B 265 -17.38 -2.29 16.04
N ASP B 266 -18.18 -3.25 16.50
CA ASP B 266 -17.88 -4.65 16.29
C ASP B 266 -18.01 -5.01 14.81
N LYS B 267 -18.99 -4.42 14.12
CA LYS B 267 -19.10 -4.59 12.69
C LYS B 267 -17.90 -4.00 11.96
N ASP B 268 -17.41 -2.85 12.44
CA ASP B 268 -16.20 -2.23 11.88
C ASP B 268 -15.02 -3.19 11.99
N MET B 269 -14.84 -3.80 13.17
CA MET B 269 -13.77 -4.73 13.40
C MET B 269 -13.84 -5.92 12.44
N GLU B 270 -15.05 -6.35 12.12
CA GLU B 270 -15.26 -7.43 11.13
C GLU B 270 -14.88 -6.99 9.72
N TRP B 271 -15.37 -5.84 9.30
CA TRP B 271 -15.12 -5.34 7.93
C TRP B 271 -13.61 -5.11 7.71
N PHE B 272 -12.98 -4.47 8.68
CA PHE B 272 -11.53 -4.26 8.64
C PHE B 272 -10.77 -5.59 8.70
N GLY B 273 -11.26 -6.57 9.45
CA GLY B 273 -10.62 -7.88 9.58
C GLY B 273 -9.91 -8.13 10.90
N PHE B 274 -9.99 -7.19 11.85
CA PHE B 274 -9.48 -7.44 13.21
C PHE B 274 -10.21 -8.57 13.89
N ALA B 275 -11.54 -8.63 13.69
CA ALA B 275 -12.37 -9.67 14.28
C ALA B 275 -12.69 -10.70 13.21
#